data_7WF9
#
_entry.id   7WF9
#
_cell.length_a   70.877
_cell.length_b   70.877
_cell.length_c   148.539
_cell.angle_alpha   90.000
_cell.angle_beta   90.000
_cell.angle_gamma   90.000
#
_symmetry.space_group_name_H-M   'P 41 21 2'
#
loop_
_entity.id
_entity.type
_entity.pdbx_description
1 polymer 'Sorting nexin-25'
2 water water
#
_entity_poly.entity_id   1
_entity_poly.type   'polypeptide(L)'
_entity_poly.pdbx_seq_one_letter_code
;PQSQKILQFEDIMTNPFYRERFGTYMERIDKRALVGFWESAEHLKNANKSEIPQLVSEMYQNFFVESKEISVEKSLYKEI
QQCLVGNRGIEVFSKIQADVSEVLRERYYPSFLVSDLYEKLMREEE
;
_entity_poly.pdbx_strand_id   A,B
#
# COMPACT_ATOMS: atom_id res chain seq x y z
N GLN A 4 16.98 36.79 11.29
CA GLN A 4 16.71 35.32 11.17
C GLN A 4 17.92 34.62 10.50
N LYS A 5 18.31 33.45 11.01
CA LYS A 5 19.39 32.57 10.46
C LYS A 5 18.75 31.19 10.19
N ILE A 6 19.24 30.42 9.21
CA ILE A 6 18.45 29.33 8.56
C ILE A 6 19.06 27.93 8.80
N LEU A 7 18.24 26.98 9.24
CA LEU A 7 18.65 25.60 9.62
C LEU A 7 18.61 24.66 8.40
N GLN A 8 19.67 23.90 8.18
CA GLN A 8 19.72 22.84 7.15
C GLN A 8 18.80 21.71 7.61
N PHE A 9 18.22 21.00 6.64
CA PHE A 9 17.30 19.85 6.89
C PHE A 9 17.95 18.86 7.85
N GLU A 10 19.21 18.50 7.63
CA GLU A 10 19.96 17.47 8.43
C GLU A 10 20.01 17.90 9.91
N ASP A 11 20.24 19.19 10.19
CA ASP A 11 20.40 19.68 11.58
C ASP A 11 19.05 19.60 12.30
N ILE A 12 17.95 19.85 11.59
CA ILE A 12 16.57 19.76 12.14
C ILE A 12 16.34 18.32 12.58
N MET A 13 16.67 17.34 11.74
CA MET A 13 16.30 15.93 11.97
C MET A 13 17.18 15.33 13.09
N THR A 14 18.47 15.66 13.11
CA THR A 14 19.47 15.17 14.11
C THR A 14 19.37 15.97 15.40
N ASN A 15 18.30 16.76 15.62
CA ASN A 15 18.10 17.55 16.86
C ASN A 15 16.67 17.41 17.38
N PRO A 16 16.48 16.76 18.55
CA PRO A 16 15.14 16.43 19.03
C PRO A 16 14.24 17.63 19.28
N PHE A 17 14.83 18.79 19.61
CA PHE A 17 14.11 20.07 19.84
C PHE A 17 13.44 20.47 18.50
N TYR A 18 14.27 20.77 17.50
CA TYR A 18 13.84 21.23 16.15
C TYR A 18 12.92 20.16 15.52
N ARG A 19 13.35 18.89 15.58
CA ARG A 19 12.59 17.77 14.98
C ARG A 19 11.18 17.67 15.60
N GLU A 20 11.03 17.84 16.91
CA GLU A 20 9.70 17.80 17.58
C GLU A 20 8.83 18.90 16.97
N ARG A 21 9.40 20.09 16.74
CA ARG A 21 8.71 21.29 16.18
C ARG A 21 8.25 21.04 14.75
N PHE A 22 9.13 20.47 13.93
CA PHE A 22 8.82 20.08 12.53
C PHE A 22 7.68 19.05 12.55
N GLY A 23 7.67 18.18 13.55
CA GLY A 23 6.60 17.20 13.81
C GLY A 23 5.22 17.85 13.92
N THR A 24 5.13 18.95 14.68
CA THR A 24 3.84 19.66 14.93
C THR A 24 3.36 20.34 13.62
N TYR A 25 4.27 20.88 12.78
CA TYR A 25 3.95 21.45 11.43
C TYR A 25 3.27 20.39 10.55
N MET A 26 3.81 19.17 10.58
CA MET A 26 3.31 18.02 9.80
C MET A 26 1.98 17.52 10.38
N GLU A 27 1.82 17.64 11.70
CA GLU A 27 0.55 17.31 12.40
C GLU A 27 -0.58 18.16 11.82
N ARG A 28 -0.34 19.47 11.60
CA ARG A 28 -1.29 20.42 10.97
C ARG A 28 -1.87 19.84 9.68
N ILE A 29 -1.05 19.28 8.81
CA ILE A 29 -1.48 18.69 7.49
C ILE A 29 -1.69 17.17 7.66
N ASP A 30 -1.84 16.70 8.92
CA ASP A 30 -2.19 15.30 9.28
C ASP A 30 -1.17 14.36 8.62
N LYS A 31 0.11 14.62 8.83
CA LYS A 31 1.25 13.93 8.19
C LYS A 31 2.32 13.58 9.21
N ARG A 32 2.03 13.70 10.50
CA ARG A 32 3.01 13.47 11.60
C ARG A 32 3.63 12.08 11.43
N ALA A 33 2.93 11.16 10.80
CA ALA A 33 3.38 9.77 10.63
C ALA A 33 4.69 9.68 9.82
N LEU A 34 4.96 10.63 8.94
CA LEU A 34 6.22 10.62 8.15
C LEU A 34 7.39 10.86 9.11
N VAL A 35 7.30 11.89 9.95
CA VAL A 35 8.35 12.19 10.96
C VAL A 35 8.43 11.02 11.94
N GLY A 36 7.26 10.57 12.42
CA GLY A 36 7.14 9.44 13.36
C GLY A 36 7.87 8.23 12.82
N PHE A 37 7.74 7.94 11.53
CA PHE A 37 8.38 6.77 10.90
C PHE A 37 9.90 6.99 10.90
N TRP A 38 10.30 8.19 10.50
CA TRP A 38 11.73 8.59 10.48
C TRP A 38 12.34 8.38 11.87
N GLU A 39 11.72 8.92 12.92
CA GLU A 39 12.25 8.81 14.31
C GLU A 39 12.39 7.33 14.66
N SER A 40 11.35 6.54 14.40
CA SER A 40 11.27 5.11 14.79
C SER A 40 12.36 4.31 14.08
N ALA A 41 12.65 4.62 12.83
CA ALA A 41 13.71 3.95 12.03
C ALA A 41 15.10 4.36 12.56
N GLU A 42 15.31 5.64 12.87
CA GLU A 42 16.57 6.09 13.53
C GLU A 42 16.75 5.34 14.86
N HIS A 43 15.72 5.29 15.70
CA HIS A 43 15.75 4.60 17.02
C HIS A 43 16.21 3.16 16.81
N LEU A 44 15.78 2.56 15.71
CA LEU A 44 15.94 1.12 15.42
C LEU A 44 17.42 0.82 15.16
N LYS A 45 18.07 1.55 14.26
CA LYS A 45 19.44 1.20 13.85
C LYS A 45 20.45 1.48 14.98
N ASN A 46 20.08 2.18 16.07
CA ASN A 46 21.01 2.33 17.24
C ASN A 46 20.38 1.76 18.51
N ALA A 47 19.49 0.80 18.40
CA ALA A 47 18.98 0.02 19.55
C ALA A 47 19.87 -1.20 19.75
N ASN A 48 19.60 -1.96 20.81
CA ASN A 48 20.25 -3.27 21.10
C ASN A 48 19.57 -4.36 20.26
N LYS A 49 20.28 -5.47 19.98
CA LYS A 49 19.70 -6.64 19.26
C LYS A 49 18.40 -7.10 19.91
N SER A 50 18.36 -7.12 21.25
CA SER A 50 17.23 -7.64 22.06
C SER A 50 15.96 -6.83 21.78
N GLU A 51 16.08 -5.53 21.50
CA GLU A 51 14.95 -4.59 21.38
C GLU A 51 14.26 -4.73 20.00
N ILE A 52 14.86 -5.46 19.05
CA ILE A 52 14.55 -5.37 17.58
C ILE A 52 13.14 -5.91 17.29
N PRO A 53 12.82 -7.18 17.64
CA PRO A 53 11.53 -7.74 17.29
C PRO A 53 10.39 -6.82 17.72
N GLN A 54 10.46 -6.35 18.97
CA GLN A 54 9.41 -5.49 19.59
C GLN A 54 9.29 -4.20 18.76
N LEU A 55 10.39 -3.50 18.52
CA LEU A 55 10.36 -2.17 17.87
C LEU A 55 9.89 -2.35 16.41
N VAL A 56 10.28 -3.46 15.78
CA VAL A 56 9.88 -3.72 14.37
C VAL A 56 8.37 -3.95 14.34
N SER A 57 7.88 -4.80 15.24
CA SER A 57 6.45 -5.08 15.43
C SER A 57 5.68 -3.79 15.69
N GLU A 58 6.15 -2.95 16.63
CA GLU A 58 5.51 -1.68 17.05
C GLU A 58 5.41 -0.75 15.84
N MET A 59 6.45 -0.73 14.99
CA MET A 59 6.52 0.13 13.78
C MET A 59 5.55 -0.39 12.72
N TYR A 60 5.47 -1.72 12.55
CA TYR A 60 4.54 -2.31 11.57
C TYR A 60 3.10 -1.90 11.93
N GLN A 61 2.74 -2.11 13.20
CA GLN A 61 1.44 -1.70 13.77
C GLN A 61 1.21 -0.21 13.52
N ASN A 62 2.14 0.65 13.94
CA ASN A 62 1.93 2.12 13.96
C ASN A 62 1.85 2.69 12.54
N PHE A 63 2.62 2.16 11.58
CA PHE A 63 2.89 2.86 10.29
C PHE A 63 2.40 2.08 9.06
N PHE A 64 1.89 0.85 9.21
CA PHE A 64 1.35 0.05 8.07
C PHE A 64 -0.07 -0.49 8.31
N VAL A 65 -0.60 -0.43 9.54
CA VAL A 65 -2.02 -0.75 9.82
C VAL A 65 -2.73 0.44 10.49
N GLU A 66 -2.17 1.09 11.52
CA GLU A 66 -2.79 2.25 12.22
C GLU A 66 -2.67 3.54 11.38
N SER A 67 -1.63 3.68 10.55
CA SER A 67 -1.48 4.74 9.52
C SER A 67 -0.99 4.08 8.22
N LYS A 68 -1.06 4.78 7.09
CA LYS A 68 -0.69 4.18 5.78
C LYS A 68 -0.30 5.30 4.81
N GLU A 69 0.91 5.82 4.93
CA GLU A 69 1.43 6.78 3.93
C GLU A 69 1.85 5.98 2.72
N ILE A 70 1.50 6.44 1.53
CA ILE A 70 1.72 5.65 0.29
C ILE A 70 3.23 5.55 0.06
N SER A 71 3.98 6.65 0.13
CA SER A 71 5.45 6.64 -0.13
C SER A 71 6.07 5.48 0.66
N VAL A 72 5.63 5.27 1.90
CA VAL A 72 6.14 4.24 2.83
C VAL A 72 5.82 2.84 2.32
N GLU A 73 4.55 2.60 1.96
CA GLU A 73 4.08 1.30 1.39
C GLU A 73 4.88 0.99 0.11
N LYS A 74 5.06 1.97 -0.77
CA LYS A 74 5.78 1.81 -2.05
C LYS A 74 7.16 1.22 -1.75
N SER A 75 7.88 1.85 -0.81
CA SER A 75 9.29 1.49 -0.49
C SER A 75 9.28 0.09 0.11
N LEU A 76 8.34 -0.17 1.02
CA LEU A 76 8.28 -1.50 1.67
C LEU A 76 8.19 -2.56 0.58
N TYR A 77 7.14 -2.45 -0.24
CA TYR A 77 6.79 -3.50 -1.24
C TYR A 77 7.95 -3.63 -2.21
N LYS A 78 8.62 -2.55 -2.63
CA LYS A 78 9.78 -2.64 -3.55
C LYS A 78 10.84 -3.57 -2.94
N GLU A 79 11.17 -3.36 -1.67
CA GLU A 79 12.41 -3.89 -1.06
C GLU A 79 12.19 -5.37 -0.72
N ILE A 80 10.95 -5.75 -0.39
CA ILE A 80 10.62 -7.12 0.09
C ILE A 80 10.01 -7.96 -1.03
N GLN A 81 9.97 -7.43 -2.27
CA GLN A 81 9.39 -8.17 -3.40
C GLN A 81 9.96 -9.59 -3.36
N GLN A 82 11.28 -9.74 -3.40
CA GLN A 82 11.86 -11.09 -3.64
C GLN A 82 11.44 -12.00 -2.49
N CYS A 83 11.41 -11.46 -1.28
CA CYS A 83 11.04 -12.22 -0.06
C CYS A 83 9.57 -12.64 -0.19
N LEU A 84 8.76 -11.74 -0.74
CA LEU A 84 7.29 -11.95 -0.77
C LEU A 84 6.92 -12.96 -1.84
N VAL A 85 7.51 -12.88 -3.02
CA VAL A 85 6.96 -13.59 -4.22
C VAL A 85 8.06 -14.26 -5.04
N GLY A 86 9.31 -14.26 -4.58
CA GLY A 86 10.43 -14.97 -5.24
C GLY A 86 10.01 -16.38 -5.63
N ASN A 87 9.50 -17.15 -4.66
CA ASN A 87 9.00 -18.53 -4.87
C ASN A 87 7.49 -18.52 -4.99
N ARG A 88 6.82 -18.06 -3.93
CA ARG A 88 5.40 -18.36 -3.61
C ARG A 88 4.46 -17.34 -4.30
N GLY A 89 4.84 -16.83 -5.49
CA GLY A 89 4.02 -15.89 -6.26
C GLY A 89 2.57 -16.33 -6.36
N ILE A 90 2.35 -17.56 -6.83
CA ILE A 90 0.99 -18.15 -7.05
C ILE A 90 0.22 -18.13 -5.73
N GLU A 91 0.81 -18.68 -4.67
CA GLU A 91 0.08 -18.87 -3.39
C GLU A 91 -0.27 -17.48 -2.80
N VAL A 92 0.55 -16.46 -3.03
CA VAL A 92 0.34 -15.10 -2.44
C VAL A 92 -0.82 -14.43 -3.17
N PHE A 93 -0.69 -14.31 -4.49
CA PHE A 93 -1.75 -13.76 -5.37
C PHE A 93 -3.07 -14.50 -5.15
N SER A 94 -3.02 -15.83 -4.98
CA SER A 94 -4.23 -16.66 -4.76
C SER A 94 -4.93 -16.18 -3.49
N LYS A 95 -4.16 -15.94 -2.43
CA LYS A 95 -4.69 -15.48 -1.12
C LYS A 95 -5.29 -14.09 -1.30
N ILE A 96 -4.61 -13.19 -2.01
CA ILE A 96 -5.17 -11.83 -2.19
C ILE A 96 -6.46 -11.97 -3.01
N GLN A 97 -6.42 -12.79 -4.06
CA GLN A 97 -7.58 -12.97 -4.97
C GLN A 97 -8.81 -13.43 -4.19
N ALA A 98 -8.62 -14.34 -3.24
CA ALA A 98 -9.72 -14.85 -2.40
C ALA A 98 -10.34 -13.69 -1.62
N ASP A 99 -9.50 -12.80 -1.09
CA ASP A 99 -9.98 -11.65 -0.29
C ASP A 99 -10.71 -10.68 -1.22
N VAL A 100 -10.17 -10.40 -2.40
CA VAL A 100 -10.85 -9.45 -3.32
C VAL A 100 -12.14 -10.11 -3.82
N SER A 101 -12.11 -11.42 -4.06
CA SER A 101 -13.32 -12.19 -4.44
C SER A 101 -14.42 -11.86 -3.45
N GLU A 102 -14.12 -11.94 -2.16
CA GLU A 102 -15.13 -11.81 -1.08
C GLU A 102 -15.65 -10.37 -1.10
N VAL A 103 -14.80 -9.37 -1.36
CA VAL A 103 -15.20 -7.94 -1.36
C VAL A 103 -16.12 -7.69 -2.55
N LEU A 104 -15.72 -8.13 -3.73
CA LEU A 104 -16.56 -8.06 -4.94
C LEU A 104 -17.94 -8.69 -4.67
N ARG A 105 -17.97 -9.87 -4.05
CA ARG A 105 -19.22 -10.65 -3.84
C ARG A 105 -20.12 -9.94 -2.83
N GLU A 106 -19.56 -9.46 -1.73
CA GLU A 106 -20.37 -8.99 -0.58
C GLU A 106 -20.74 -7.51 -0.76
N ARG A 107 -19.85 -6.69 -1.34
CA ARG A 107 -19.97 -5.21 -1.34
C ARG A 107 -20.44 -4.65 -2.69
N TYR A 108 -20.18 -5.29 -3.84
CA TYR A 108 -20.40 -4.66 -5.18
C TYR A 108 -21.41 -5.42 -6.02
N TYR A 109 -21.29 -6.74 -6.11
CA TYR A 109 -22.16 -7.62 -6.94
C TYR A 109 -23.63 -7.26 -6.73
N PRO A 110 -24.10 -7.11 -5.46
CA PRO A 110 -25.51 -6.86 -5.21
C PRO A 110 -26.01 -5.56 -5.86
N SER A 111 -25.22 -4.50 -5.78
CA SER A 111 -25.55 -3.18 -6.37
C SER A 111 -25.43 -3.26 -7.89
N PHE A 112 -24.47 -4.03 -8.39
CA PHE A 112 -24.31 -4.25 -9.84
C PHE A 112 -25.62 -4.84 -10.37
N LEU A 113 -26.20 -5.78 -9.64
CA LEU A 113 -27.42 -6.52 -10.06
C LEU A 113 -28.61 -5.58 -10.26
N VAL A 114 -28.65 -4.45 -9.54
CA VAL A 114 -29.76 -3.45 -9.63
C VAL A 114 -29.32 -2.26 -10.48
N SER A 115 -28.10 -2.27 -11.00
CA SER A 115 -27.54 -1.23 -11.90
C SER A 115 -28.24 -1.28 -13.26
N ASP A 116 -28.24 -0.15 -13.97
CA ASP A 116 -28.74 -0.06 -15.37
C ASP A 116 -27.92 -1.01 -16.25
N LEU A 117 -26.61 -1.03 -16.05
CA LEU A 117 -25.62 -1.84 -16.83
C LEU A 117 -26.00 -3.31 -16.80
N TYR A 118 -26.55 -3.80 -15.69
CA TYR A 118 -26.95 -5.22 -15.56
C TYR A 118 -28.27 -5.47 -16.29
N GLU A 119 -29.25 -4.56 -16.20
CA GLU A 119 -30.55 -4.68 -16.93
C GLU A 119 -30.30 -4.72 -18.44
N LYS A 120 -29.39 -3.86 -18.96
CA LYS A 120 -29.05 -3.74 -20.40
C LYS A 120 -28.40 -5.05 -20.88
N LEU A 121 -27.57 -5.66 -20.04
CA LEU A 121 -26.90 -6.96 -20.29
C LEU A 121 -27.97 -8.05 -20.47
N MET A 122 -29.09 -7.97 -19.74
CA MET A 122 -30.12 -9.05 -19.62
C MET A 122 -31.10 -9.01 -20.82
N ARG A 123 -31.52 -7.81 -21.24
CA ARG A 123 -32.28 -7.58 -22.51
C ARG A 123 -31.30 -7.54 -23.69
N GLU A 124 -30.24 -8.37 -23.68
CA GLU A 124 -29.48 -8.74 -24.90
C GLU A 124 -29.93 -10.15 -25.32
N GLU A 125 -31.12 -10.24 -25.93
CA GLU A 125 -31.67 -11.41 -26.68
C GLU A 125 -31.44 -11.18 -28.18
N GLU A 126 -30.36 -10.46 -28.54
CA GLU A 126 -29.84 -10.29 -29.93
C GLU A 126 -28.31 -10.17 -29.87
N SER B 3 -39.53 -12.16 -14.50
CA SER B 3 -39.25 -10.71 -14.71
C SER B 3 -37.83 -10.54 -15.26
N GLN B 4 -36.85 -11.19 -14.61
CA GLN B 4 -35.40 -10.96 -14.86
C GLN B 4 -34.59 -12.23 -14.52
N LYS B 5 -33.56 -12.50 -15.33
CA LYS B 5 -32.63 -13.66 -15.20
C LYS B 5 -31.44 -13.21 -14.32
N ILE B 6 -31.18 -13.88 -13.18
CA ILE B 6 -30.20 -13.38 -12.14
C ILE B 6 -28.96 -14.26 -12.13
N LEU B 7 -27.83 -13.68 -12.53
CA LEU B 7 -26.53 -14.38 -12.55
C LEU B 7 -26.00 -14.47 -11.12
N GLN B 8 -25.51 -15.65 -10.74
CA GLN B 8 -24.69 -15.84 -9.52
C GLN B 8 -23.38 -15.09 -9.75
N PHE B 9 -22.76 -14.61 -8.67
CA PHE B 9 -21.44 -13.95 -8.70
C PHE B 9 -20.45 -14.80 -9.53
N GLU B 10 -20.39 -16.11 -9.27
CA GLU B 10 -19.49 -17.09 -9.94
C GLU B 10 -19.64 -17.04 -11.46
N ASP B 11 -20.87 -16.97 -11.98
CA ASP B 11 -21.14 -17.00 -13.45
C ASP B 11 -20.61 -15.71 -14.08
N ILE B 12 -20.76 -14.60 -13.38
CA ILE B 12 -20.27 -13.27 -13.86
C ILE B 12 -18.75 -13.35 -14.04
N MET B 13 -18.04 -13.90 -13.07
CA MET B 13 -16.56 -13.85 -13.07
C MET B 13 -16.00 -14.83 -14.10
N THR B 14 -16.60 -16.01 -14.23
CA THR B 14 -16.16 -17.07 -15.18
C THR B 14 -16.70 -16.80 -16.58
N ASN B 15 -17.19 -15.60 -16.90
CA ASN B 15 -17.69 -15.28 -18.27
C ASN B 15 -17.18 -13.93 -18.75
N PRO B 16 -16.35 -13.87 -19.81
CA PRO B 16 -15.70 -12.63 -20.25
C PRO B 16 -16.68 -11.49 -20.59
N PHE B 17 -17.85 -11.85 -21.09
CA PHE B 17 -18.92 -10.91 -21.50
C PHE B 17 -19.44 -10.22 -20.22
N TYR B 18 -20.01 -11.00 -19.29
CA TYR B 18 -20.60 -10.50 -18.02
C TYR B 18 -19.51 -9.80 -17.19
N ARG B 19 -18.33 -10.43 -17.07
CA ARG B 19 -17.19 -9.88 -16.30
C ARG B 19 -16.78 -8.51 -16.85
N GLU B 20 -16.72 -8.33 -18.17
CA GLU B 20 -16.38 -7.02 -18.79
C GLU B 20 -17.39 -5.97 -18.29
N ARG B 21 -18.68 -6.31 -18.29
CA ARG B 21 -19.80 -5.40 -17.91
C ARG B 21 -19.70 -5.01 -16.42
N PHE B 22 -19.45 -6.00 -15.56
CA PHE B 22 -19.23 -5.77 -14.12
C PHE B 22 -18.03 -4.85 -13.93
N GLY B 23 -17.00 -5.02 -14.77
CA GLY B 23 -15.78 -4.18 -14.80
C GLY B 23 -16.11 -2.72 -15.04
N THR B 24 -16.99 -2.43 -15.98
CA THR B 24 -17.35 -1.04 -16.37
C THR B 24 -18.17 -0.41 -15.24
N TYR B 25 -19.03 -1.17 -14.55
CA TYR B 25 -19.83 -0.73 -13.37
C TYR B 25 -18.89 -0.27 -12.26
N MET B 26 -17.82 -1.03 -12.04
CA MET B 26 -16.75 -0.74 -11.05
C MET B 26 -15.92 0.47 -11.53
N GLU B 27 -15.71 0.62 -12.83
CA GLU B 27 -14.91 1.74 -13.42
C GLU B 27 -15.62 3.06 -13.07
N ARG B 28 -16.95 3.08 -13.19
CA ARG B 28 -17.85 4.21 -12.84
C ARG B 28 -17.48 4.75 -11.46
N ILE B 29 -17.35 3.87 -10.48
CA ILE B 29 -17.08 4.21 -9.05
C ILE B 29 -15.57 4.06 -8.79
N ASP B 30 -14.76 4.10 -9.86
CA ASP B 30 -13.26 4.15 -9.80
C ASP B 30 -12.76 2.97 -8.95
N LYS B 31 -13.18 1.75 -9.31
CA LYS B 31 -12.90 0.49 -8.56
C LYS B 31 -12.48 -0.62 -9.51
N ARG B 32 -12.27 -0.34 -10.80
CA ARG B 32 -12.15 -1.40 -11.83
C ARG B 32 -10.91 -2.23 -11.50
N ALA B 33 -9.99 -1.71 -10.69
CA ALA B 33 -8.75 -2.40 -10.29
C ALA B 33 -9.06 -3.68 -9.52
N LEU B 34 -10.20 -3.78 -8.82
CA LEU B 34 -10.55 -5.03 -8.07
C LEU B 34 -10.78 -6.15 -9.09
N VAL B 35 -11.58 -5.90 -10.12
CA VAL B 35 -11.84 -6.91 -11.20
C VAL B 35 -10.52 -7.17 -11.92
N GLY B 36 -9.81 -6.09 -12.28
CA GLY B 36 -8.50 -6.17 -12.96
C GLY B 36 -7.54 -7.08 -12.21
N PHE B 37 -7.52 -6.99 -10.89
CA PHE B 37 -6.60 -7.80 -10.05
C PHE B 37 -7.05 -9.26 -10.11
N TRP B 38 -8.36 -9.47 -9.97
CA TRP B 38 -8.97 -10.82 -10.06
C TRP B 38 -8.58 -11.45 -11.39
N GLU B 39 -8.77 -10.77 -12.51
CA GLU B 39 -8.45 -11.32 -13.86
C GLU B 39 -6.95 -11.69 -13.89
N SER B 40 -6.07 -10.81 -13.43
CA SER B 40 -4.59 -10.99 -13.51
C SER B 40 -4.15 -12.19 -12.67
N ALA B 41 -4.78 -12.39 -11.52
CA ALA B 41 -4.50 -13.55 -10.63
C ALA B 41 -4.98 -14.85 -11.28
N GLU B 42 -6.18 -14.85 -11.87
CA GLU B 42 -6.71 -16.02 -12.61
C GLU B 42 -5.76 -16.33 -13.76
N HIS B 43 -5.33 -15.32 -14.53
CA HIS B 43 -4.40 -15.50 -15.67
C HIS B 43 -3.17 -16.26 -15.18
N LEU B 44 -2.73 -15.93 -13.98
CA LEU B 44 -1.45 -16.39 -13.42
C LEU B 44 -1.51 -17.88 -13.13
N LYS B 45 -2.51 -18.34 -12.37
CA LYS B 45 -2.51 -19.76 -11.91
C LYS B 45 -2.82 -20.71 -13.09
N ASN B 46 -3.21 -20.21 -14.27
CA ASN B 46 -3.52 -21.05 -15.45
C ASN B 46 -2.62 -20.65 -16.63
N ALA B 47 -1.45 -20.05 -16.38
CA ALA B 47 -0.46 -19.72 -17.44
C ALA B 47 0.49 -20.90 -17.61
N ASN B 48 1.46 -20.79 -18.52
CA ASN B 48 2.52 -21.80 -18.74
C ASN B 48 3.69 -21.51 -17.78
N LYS B 49 4.40 -22.55 -17.36
CA LYS B 49 5.40 -22.46 -16.27
C LYS B 49 6.49 -21.43 -16.63
N SER B 50 6.90 -21.37 -17.90
CA SER B 50 8.02 -20.50 -18.34
C SER B 50 7.68 -19.03 -18.13
N GLU B 51 6.39 -18.67 -18.23
CA GLU B 51 5.91 -17.26 -18.22
C GLU B 51 5.90 -16.70 -16.77
N ILE B 52 6.04 -17.54 -15.74
CA ILE B 52 5.58 -17.24 -14.34
C ILE B 52 6.40 -16.12 -13.70
N PRO B 53 7.75 -16.21 -13.60
CA PRO B 53 8.52 -15.20 -12.88
C PRO B 53 8.20 -13.80 -13.41
N GLN B 54 8.16 -13.65 -14.73
CA GLN B 54 7.93 -12.35 -15.40
C GLN B 54 6.53 -11.85 -15.03
N LEU B 55 5.51 -12.69 -15.18
CA LEU B 55 4.09 -12.28 -14.92
C LEU B 55 3.95 -11.91 -13.44
N VAL B 56 4.63 -12.63 -12.55
CA VAL B 56 4.59 -12.36 -11.08
C VAL B 56 5.20 -10.98 -10.85
N SER B 57 6.38 -10.75 -11.43
CA SER B 57 7.10 -9.46 -11.42
C SER B 57 6.17 -8.34 -11.88
N GLU B 58 5.55 -8.48 -13.06
CA GLU B 58 4.70 -7.44 -13.70
C GLU B 58 3.50 -7.13 -12.82
N MET B 59 2.93 -8.16 -12.18
CA MET B 59 1.75 -8.03 -11.28
C MET B 59 2.16 -7.32 -9.99
N TYR B 60 3.33 -7.65 -9.47
CA TYR B 60 3.85 -7.02 -8.22
C TYR B 60 4.01 -5.53 -8.48
N GLN B 61 4.71 -5.17 -9.56
CA GLN B 61 4.87 -3.78 -10.05
C GLN B 61 3.48 -3.10 -10.15
N ASN B 62 2.53 -3.69 -10.90
CA ASN B 62 1.22 -3.06 -11.20
C ASN B 62 0.38 -2.85 -9.92
N PHE B 63 0.39 -3.82 -9.00
CA PHE B 63 -0.64 -3.89 -7.91
C PHE B 63 -0.07 -3.68 -6.50
N PHE B 64 1.24 -3.78 -6.28
CA PHE B 64 1.84 -3.47 -4.95
C PHE B 64 2.51 -2.11 -5.03
N VAL B 65 3.39 -1.92 -6.01
CA VAL B 65 4.25 -0.70 -6.12
C VAL B 65 3.39 0.45 -6.67
N GLU B 66 2.89 0.32 -7.91
CA GLU B 66 2.40 1.48 -8.70
C GLU B 66 0.93 1.80 -8.36
N SER B 67 0.12 0.82 -7.99
CA SER B 67 -1.36 0.98 -7.81
C SER B 67 -1.70 1.23 -6.34
N LYS B 68 -2.85 1.85 -6.08
CA LYS B 68 -3.27 2.27 -4.72
C LYS B 68 -4.54 1.54 -4.26
N GLU B 69 -5.35 1.02 -5.18
CA GLU B 69 -6.76 0.69 -4.88
C GLU B 69 -6.91 -0.66 -4.18
N ILE B 70 -5.82 -1.41 -3.91
CA ILE B 70 -5.91 -2.72 -3.18
C ILE B 70 -5.09 -2.68 -1.87
N SER B 71 -5.78 -2.74 -0.74
CA SER B 71 -5.20 -2.99 0.61
C SER B 71 -4.77 -4.47 0.71
N VAL B 72 -3.79 -4.79 -0.13
CA VAL B 72 -2.96 -6.04 -0.16
C VAL B 72 -2.60 -6.54 1.24
N GLU B 73 -2.27 -5.65 2.17
CA GLU B 73 -1.67 -5.99 3.47
C GLU B 73 -2.69 -6.72 4.35
N LYS B 74 -3.99 -6.43 4.18
CA LYS B 74 -5.07 -7.14 4.91
C LYS B 74 -4.88 -8.66 4.75
N SER B 75 -4.58 -9.11 3.54
CA SER B 75 -4.44 -10.55 3.18
C SER B 75 -3.21 -11.12 3.90
N LEU B 76 -2.13 -10.34 3.96
CA LEU B 76 -0.75 -10.89 4.07
C LEU B 76 0.03 -10.40 5.29
N TYR B 77 -0.60 -9.99 6.41
CA TYR B 77 0.10 -9.42 7.59
C TYR B 77 1.31 -10.28 8.00
N LYS B 78 1.06 -11.58 8.18
CA LYS B 78 2.12 -12.52 8.66
C LYS B 78 3.27 -12.55 7.66
N GLU B 79 2.97 -12.60 6.36
CA GLU B 79 3.98 -12.93 5.30
C GLU B 79 4.89 -11.70 5.09
N ILE B 80 4.34 -10.51 5.26
CA ILE B 80 5.08 -9.21 5.17
C ILE B 80 6.00 -9.10 6.39
N GLN B 81 5.49 -9.38 7.57
CA GLN B 81 6.26 -9.31 8.85
C GLN B 81 7.34 -10.39 8.83
N GLN B 82 7.09 -11.54 8.21
CA GLN B 82 8.11 -12.60 8.10
C GLN B 82 9.33 -12.02 7.37
N CYS B 83 9.12 -11.15 6.39
CA CYS B 83 10.20 -10.49 5.61
C CYS B 83 10.92 -9.42 6.44
N LEU B 84 10.36 -9.01 7.58
CA LEU B 84 10.92 -7.93 8.44
C LEU B 84 11.65 -8.48 9.67
N VAL B 85 11.79 -9.79 9.79
CA VAL B 85 12.38 -10.43 10.98
C VAL B 85 13.88 -10.12 11.00
N GLY B 86 14.42 -9.80 12.18
CA GLY B 86 15.87 -9.65 12.41
C GLY B 86 16.49 -8.68 11.44
N ASN B 87 17.54 -9.11 10.73
CA ASN B 87 18.45 -8.26 9.92
C ASN B 87 17.73 -7.63 8.72
N ARG B 88 16.99 -8.43 7.98
CA ARG B 88 16.15 -7.96 6.84
C ARG B 88 15.33 -6.75 7.33
N GLY B 89 14.68 -6.84 8.50
CA GLY B 89 13.97 -5.71 9.12
C GLY B 89 14.78 -4.40 9.06
N ILE B 90 16.01 -4.42 9.57
CA ILE B 90 16.86 -3.19 9.64
C ILE B 90 17.16 -2.69 8.23
N GLU B 91 17.58 -3.58 7.33
CA GLU B 91 17.92 -3.20 5.92
C GLU B 91 16.72 -2.49 5.27
N VAL B 92 15.52 -3.01 5.51
CA VAL B 92 14.27 -2.59 4.80
C VAL B 92 13.82 -1.25 5.37
N PHE B 93 13.64 -1.17 6.68
CA PHE B 93 13.24 0.10 7.33
C PHE B 93 14.28 1.19 7.04
N SER B 94 15.57 0.86 6.95
CA SER B 94 16.62 1.87 6.66
C SER B 94 16.36 2.45 5.27
N LYS B 95 16.07 1.56 4.32
CA LYS B 95 15.78 1.95 2.92
C LYS B 95 14.47 2.75 2.89
N ILE B 96 13.44 2.35 3.62
CA ILE B 96 12.18 3.13 3.65
C ILE B 96 12.49 4.50 4.23
N GLN B 97 13.26 4.55 5.31
CA GLN B 97 13.60 5.82 5.98
C GLN B 97 14.30 6.77 5.00
N ALA B 98 15.20 6.25 4.20
CA ALA B 98 15.93 7.05 3.19
C ALA B 98 14.92 7.65 2.21
N ASP B 99 13.91 6.89 1.79
CA ASP B 99 12.87 7.36 0.84
C ASP B 99 12.05 8.46 1.53
N VAL B 100 11.66 8.22 2.77
CA VAL B 100 10.87 9.21 3.54
C VAL B 100 11.74 10.45 3.77
N SER B 101 13.02 10.25 4.07
CA SER B 101 13.98 11.37 4.26
C SER B 101 13.85 12.29 3.05
N GLU B 102 13.88 11.71 1.85
CA GLU B 102 13.89 12.51 0.59
C GLU B 102 12.53 13.22 0.41
N VAL B 103 11.42 12.59 0.79
CA VAL B 103 10.05 13.21 0.70
C VAL B 103 9.98 14.40 1.68
N LEU B 104 10.39 14.18 2.93
CA LEU B 104 10.46 15.27 3.93
C LEU B 104 11.27 16.44 3.38
N ARG B 105 12.44 16.17 2.81
CA ARG B 105 13.41 17.21 2.36
C ARG B 105 12.82 17.99 1.19
N GLU B 106 12.24 17.30 0.21
CA GLU B 106 11.89 17.90 -1.10
C GLU B 106 10.50 18.55 -1.01
N ARG B 107 9.55 17.94 -0.29
CA ARG B 107 8.12 18.32 -0.35
C ARG B 107 7.66 19.14 0.88
N TYR B 108 8.26 19.01 2.08
CA TYR B 108 7.67 19.62 3.32
C TYR B 108 8.62 20.62 4.00
N TYR B 109 9.89 20.26 4.14
CA TYR B 109 10.93 21.12 4.79
C TYR B 109 10.84 22.55 4.25
N PRO B 110 10.75 22.78 2.93
CA PRO B 110 10.76 24.14 2.40
C PRO B 110 9.59 24.99 2.92
N SER B 111 8.38 24.44 3.00
CA SER B 111 7.19 25.13 3.55
C SER B 111 7.33 25.29 5.07
N PHE B 112 7.91 24.30 5.73
CA PHE B 112 8.19 24.37 7.18
C PHE B 112 9.05 25.61 7.45
N LEU B 113 10.04 25.85 6.60
CA LEU B 113 11.07 26.91 6.78
C LEU B 113 10.40 28.30 6.78
N VAL B 114 9.28 28.45 6.08
CA VAL B 114 8.54 29.75 5.94
C VAL B 114 7.32 29.73 6.87
N SER B 115 7.12 28.67 7.65
CA SER B 115 5.98 28.49 8.58
C SER B 115 6.13 29.42 9.79
N ASP B 116 5.00 29.75 10.43
CA ASP B 116 4.93 30.49 11.72
C ASP B 116 5.73 29.72 12.77
N LEU B 117 5.53 28.39 12.82
CA LEU B 117 6.18 27.41 13.74
C LEU B 117 7.71 27.62 13.74
N TYR B 118 8.30 27.90 12.57
CA TYR B 118 9.77 28.07 12.40
C TYR B 118 10.20 29.42 12.94
N GLU B 119 9.44 30.50 12.69
CA GLU B 119 9.77 31.86 13.18
C GLU B 119 9.76 31.86 14.71
N LYS B 120 8.77 31.19 15.33
CA LYS B 120 8.61 31.11 16.81
C LYS B 120 9.81 30.37 17.42
N LEU B 121 10.27 29.32 16.74
CA LEU B 121 11.45 28.51 17.13
C LEU B 121 12.70 29.40 17.16
N MET B 122 12.80 30.41 16.27
CA MET B 122 14.03 31.20 15.99
C MET B 122 14.28 32.29 17.05
N ARG B 123 13.24 33.00 17.51
CA ARG B 123 13.43 34.15 18.44
C ARG B 123 13.68 33.62 19.86
N GLU B 124 13.84 32.30 20.03
CA GLU B 124 14.28 31.66 21.29
C GLU B 124 15.75 31.27 21.17
#